data_5T7H
#
_entry.id   5T7H
#
_cell.length_a   50.351
_cell.length_b   56.122
_cell.length_c   56.127
_cell.angle_alpha   75.65
_cell.angle_beta   63.37
_cell.angle_gamma   63.36
#
_symmetry.space_group_name_H-M   'P 1'
#
loop_
_entity.id
_entity.type
_entity.pdbx_description
1 polymer 'Cytochrome c iso-1'
2 non-polymer 'SULFATE ION'
3 non-polymer 6-cyclohexylhexan-1-ol
4 non-polymer 'HEME C'
5 water water
#
_entity_poly.entity_id   1
_entity_poly.type   'polypeptide(L)'
_entity_poly.pdbx_seq_one_letter_code
;MTEFKAGSAKKGATLFKTRCLQCHTVEKGGPHKVGPNLHGIFGRHSGQAEGYSYTDANIKKNVLWDENNMSEYLTNPAKY
IPGTKMAFGGLKKEKDRNDLITYLKKASE
;
_entity_poly.pdbx_strand_id   A,B,C,D
#
loop_
_chem_comp.id
_chem_comp.type
_chem_comp.name
_chem_comp.formula
HEC non-polymer 'HEME C' 'C34 H34 Fe N4 O4'
SO4 non-polymer 'SULFATE ION' 'O4 S -2'
ZE7 non-polymer 6-cyclohexylhexan-1-ol 'C12 H24 O'
#
# COMPACT_ATOMS: atom_id res chain seq x y z
N PHE A 4 -7.90 -29.17 7.34
CA PHE A 4 -8.09 -29.24 5.90
C PHE A 4 -8.92 -30.46 5.51
N LYS A 5 -9.92 -30.24 4.65
CA LYS A 5 -10.64 -31.35 4.04
C LYS A 5 -10.59 -31.17 2.54
N ALA A 6 -10.44 -32.26 1.81
CA ALA A 6 -10.38 -32.19 0.35
C ALA A 6 -11.63 -31.54 -0.17
N GLY A 7 -11.45 -30.57 -1.06
CA GLY A 7 -12.55 -29.83 -1.62
C GLY A 7 -12.57 -29.93 -3.12
N SER A 8 -12.94 -28.84 -3.77
CA SER A 8 -13.12 -28.78 -5.22
C SER A 8 -11.95 -28.16 -5.96
N ALA A 9 -11.19 -29.02 -6.62
CA ALA A 9 -10.04 -28.57 -7.38
C ALA A 9 -10.46 -27.61 -8.51
N LYS A 10 -11.68 -27.77 -9.03
CA LYS A 10 -12.18 -26.87 -10.08
C LYS A 10 -12.42 -25.45 -9.54
N LYS A 11 -12.97 -25.35 -8.33
CA LYS A 11 -13.21 -24.05 -7.74
C LYS A 11 -11.88 -23.43 -7.32
N GLY A 12 -10.99 -24.26 -6.78
CA GLY A 12 -9.66 -23.83 -6.42
C GLY A 12 -8.83 -23.28 -7.56
N ALA A 13 -9.09 -23.75 -8.79
CA ALA A 13 -8.38 -23.32 -9.99
C ALA A 13 -8.76 -21.90 -10.35
N THR A 14 -10.06 -21.64 -10.25
CA THR A 14 -10.62 -20.32 -10.52
C THR A 14 -10.13 -19.34 -9.47
N LEU A 15 -10.08 -19.79 -8.21
CA LEU A 15 -9.55 -18.96 -7.14
C LEU A 15 -8.09 -18.57 -7.40
N PHE A 16 -7.23 -19.54 -7.69
CA PHE A 16 -5.82 -19.24 -8.01
C PHE A 16 -5.71 -18.20 -9.16
N LYS A 17 -6.44 -18.45 -10.24
CA LYS A 17 -6.42 -17.53 -11.38
C LYS A 17 -6.83 -16.10 -11.00
N THR A 18 -7.80 -15.97 -10.09
CA THR A 18 -8.30 -14.63 -9.77
C THR A 18 -7.69 -14.06 -8.50
N ARG A 19 -7.00 -14.88 -7.71
CA ARG A 19 -6.45 -14.40 -6.43
C ARG A 19 -4.93 -14.52 -6.27
N CYS A 20 -4.27 -15.33 -7.09
CA CYS A 20 -2.88 -15.71 -6.86
C CYS A 20 -2.01 -15.45 -8.06
N LEU A 21 -2.56 -15.78 -9.22
CA LEU A 21 -1.84 -15.70 -10.49
C LEU A 21 -1.19 -14.32 -10.76
N GLN A 22 -1.77 -13.27 -10.21
CA GLN A 22 -1.22 -11.93 -10.43
C GLN A 22 0.19 -11.83 -9.81
N CYS A 23 0.48 -12.66 -8.81
CA CYS A 23 1.80 -12.65 -8.17
C CYS A 23 2.55 -13.97 -8.20
N HIS A 24 1.91 -15.06 -8.63
CA HIS A 24 2.56 -16.37 -8.63
C HIS A 24 2.26 -17.18 -9.93
N THR A 25 3.25 -17.96 -10.38
CA THR A 25 3.00 -19.03 -11.34
C THR A 25 3.18 -20.35 -10.59
N VAL A 26 2.72 -21.44 -11.19
CA VAL A 26 2.71 -22.69 -10.46
C VAL A 26 3.32 -23.83 -11.25
N GLU A 27 3.44 -23.67 -12.55
CA GLU A 27 3.98 -24.74 -13.38
C GLU A 27 5.50 -24.87 -13.21
N LYS A 28 6.02 -26.08 -13.40
CA LYS A 28 7.45 -26.33 -13.32
C LYS A 28 8.21 -25.43 -14.30
N GLY A 29 9.16 -24.67 -13.77
CA GLY A 29 9.94 -23.77 -14.61
C GLY A 29 9.26 -22.45 -14.87
N GLY A 30 8.08 -22.25 -14.26
CA GLY A 30 7.36 -21.01 -14.41
C GLY A 30 8.17 -19.85 -13.85
N PRO A 31 7.91 -18.62 -14.33
CA PRO A 31 8.75 -17.50 -13.89
C PRO A 31 8.35 -16.98 -12.51
N HIS A 32 9.31 -16.38 -11.78
CA HIS A 32 8.95 -15.58 -10.62
C HIS A 32 8.23 -14.31 -11.04
N LYS A 33 7.38 -13.80 -10.15
CA LYS A 33 6.74 -12.50 -10.33
C LYS A 33 6.96 -11.70 -9.05
N VAL A 34 6.01 -10.89 -8.63
CA VAL A 34 6.15 -10.25 -7.32
C VAL A 34 6.41 -11.32 -6.25
N GLY A 35 5.75 -12.48 -6.38
CA GLY A 35 6.01 -13.62 -5.53
C GLY A 35 6.68 -14.73 -6.33
N PRO A 36 7.25 -15.72 -5.62
CA PRO A 36 7.98 -16.81 -6.25
C PRO A 36 7.10 -17.83 -6.94
N ASN A 37 7.67 -18.53 -7.92
CA ASN A 37 6.99 -19.66 -8.53
C ASN A 37 6.73 -20.72 -7.45
N LEU A 38 5.58 -21.38 -7.53
CA LEU A 38 5.15 -22.25 -6.46
C LEU A 38 5.23 -23.73 -6.82
N HIS A 39 5.87 -24.06 -7.93
CA HIS A 39 6.02 -25.45 -8.30
C HIS A 39 6.72 -26.25 -7.21
N GLY A 40 6.17 -27.41 -6.87
CA GLY A 40 6.76 -28.27 -5.86
C GLY A 40 6.72 -27.74 -4.44
N ILE A 41 5.87 -26.75 -4.18
CA ILE A 41 5.86 -26.09 -2.87
C ILE A 41 5.50 -27.05 -1.71
N PHE A 42 4.62 -28.03 -1.95
CA PHE A 42 4.16 -28.87 -0.85
C PHE A 42 5.19 -29.89 -0.35
N GLY A 43 6.00 -30.43 -1.25
CA GLY A 43 7.11 -31.26 -0.82
C GLY A 43 8.39 -30.49 -0.52
N ARG A 44 8.29 -29.34 0.15
CA ARG A 44 9.45 -28.47 0.37
C ARG A 44 9.30 -27.54 1.56
N HIS A 45 10.41 -26.94 1.99
CA HIS A 45 10.35 -25.94 3.06
C HIS A 45 10.03 -24.55 2.52
N SER A 46 9.52 -23.69 3.40
CA SER A 46 9.17 -22.33 3.02
C SER A 46 10.42 -21.49 2.74
N GLY A 47 10.27 -20.52 1.84
CA GLY A 47 11.33 -19.55 1.62
C GLY A 47 12.55 -20.13 0.94
N GLN A 48 12.33 -21.07 0.04
CA GLN A 48 13.45 -21.77 -0.59
C GLN A 48 13.37 -21.89 -2.11
N ALA A 49 12.39 -21.27 -2.75
CA ALA A 49 12.32 -21.38 -4.21
C ALA A 49 13.63 -20.91 -4.87
N GLU A 50 14.18 -21.74 -5.75
CA GLU A 50 15.38 -21.39 -6.52
C GLU A 50 15.19 -20.13 -7.33
N GLY A 51 16.14 -19.19 -7.26
CA GLY A 51 16.10 -18.00 -8.09
C GLY A 51 15.29 -16.85 -7.52
N TYR A 52 14.75 -17.03 -6.31
CA TYR A 52 13.98 -15.96 -5.66
C TYR A 52 14.55 -15.67 -4.29
N SER A 53 14.62 -14.39 -3.93
CA SER A 53 15.13 -13.98 -2.65
C SER A 53 14.02 -13.31 -1.87
N TYR A 54 13.70 -13.89 -0.71
CA TYR A 54 12.54 -13.51 0.12
C TYR A 54 12.81 -12.35 1.07
N THR A 55 11.74 -11.85 1.69
CA THR A 55 11.90 -10.92 2.80
C THR A 55 12.45 -11.66 4.02
N ASP A 56 12.63 -10.94 5.13
CA ASP A 56 13.17 -11.53 6.35
C ASP A 56 12.21 -12.52 6.97
N ALA A 57 11.02 -12.59 6.40
CA ALA A 57 10.02 -13.55 6.85
C ALA A 57 10.59 -14.95 6.91
N ASN A 58 11.48 -15.29 5.97
CA ASN A 58 11.95 -16.67 5.92
C ASN A 58 13.15 -17.00 6.83
N ILE A 59 13.65 -16.02 7.60
CA ILE A 59 14.57 -16.36 8.69
C ILE A 59 13.85 -16.19 10.04
N LYS A 60 12.58 -15.77 10.01
CA LYS A 60 11.80 -15.55 11.22
C LYS A 60 10.86 -16.71 11.51
N LYS A 61 10.27 -17.27 10.47
CA LYS A 61 9.51 -18.50 10.63
C LYS A 61 9.81 -19.46 9.49
N ASN A 62 9.73 -20.76 9.76
CA ASN A 62 10.13 -21.77 8.79
C ASN A 62 9.32 -23.04 8.94
N VAL A 63 8.40 -23.28 8.01
CA VAL A 63 7.60 -24.47 8.05
C VAL A 63 7.89 -25.38 6.87
N LEU A 64 7.56 -26.66 7.05
CA LEU A 64 7.46 -27.58 5.93
C LEU A 64 6.03 -27.54 5.44
N TRP A 65 5.83 -27.02 4.22
CA TRP A 65 4.46 -26.77 3.73
C TRP A 65 3.63 -28.04 3.65
N ASP A 66 2.42 -27.98 4.17
CA ASP A 66 1.40 -28.99 3.91
C ASP A 66 0.06 -28.29 3.89
N GLU A 67 -1.01 -29.07 3.78
CA GLU A 67 -2.36 -28.53 3.70
C GLU A 67 -2.73 -27.76 4.96
N ASN A 68 -2.26 -28.23 6.11
CA ASN A 68 -2.65 -27.63 7.37
C ASN A 68 -2.02 -26.26 7.58
N ASN A 69 -0.69 -26.19 7.59
CA ASN A 69 -0.01 -24.90 7.79
C ASN A 69 -0.24 -23.90 6.64
N MET A 70 -0.40 -24.40 5.40
CA MET A 70 -0.74 -23.46 4.32
C MET A 70 -2.15 -22.92 4.46
N SER A 71 -3.06 -23.70 5.03
CA SER A 71 -4.42 -23.19 5.20
C SER A 71 -4.46 -22.02 6.17
N GLU A 72 -3.68 -22.14 7.24
CA GLU A 72 -3.54 -21.08 8.22
C GLU A 72 -2.81 -19.87 7.63
N TYR A 73 -1.73 -20.10 6.87
CA TYR A 73 -1.05 -19.03 6.12
C TYR A 73 -2.04 -18.21 5.31
N LEU A 74 -2.80 -18.89 4.47
CA LEU A 74 -3.68 -18.22 3.51
C LEU A 74 -4.87 -17.53 4.17
N THR A 75 -4.97 -17.64 5.49
CA THR A 75 -5.98 -16.89 6.22
C THR A 75 -5.62 -15.41 6.20
N ASN A 76 -4.32 -15.14 6.33
CA ASN A 76 -3.83 -13.77 6.38
C ASN A 76 -2.32 -13.73 6.08
N PRO A 77 -1.95 -13.82 4.79
CA PRO A 77 -0.53 -13.88 4.42
C PRO A 77 0.17 -12.54 4.65
N ALA A 78 -0.62 -11.47 4.61
CA ALA A 78 -0.10 -10.12 4.77
C ALA A 78 0.59 -9.92 6.12
N LYS A 79 0.14 -10.62 7.15
CA LYS A 79 0.75 -10.39 8.47
C LYS A 79 2.16 -10.99 8.59
N TYR A 80 2.53 -11.88 7.66
CA TYR A 80 3.89 -12.43 7.64
C TYR A 80 4.84 -11.59 6.81
N ILE A 81 4.31 -10.52 6.21
CA ILE A 81 5.14 -9.57 5.48
C ILE A 81 5.58 -8.45 6.42
N PRO A 82 6.89 -8.38 6.70
CA PRO A 82 7.41 -7.40 7.65
C PRO A 82 7.03 -5.99 7.24
N GLY A 83 6.58 -5.17 8.20
CA GLY A 83 6.14 -3.82 7.90
C GLY A 83 4.63 -3.68 7.94
N THR A 84 3.94 -4.80 7.71
CA THR A 84 2.49 -4.81 7.60
C THR A 84 1.81 -4.33 8.85
N LYS A 85 2.21 -4.92 9.98
CA LYS A 85 1.59 -4.61 11.25
C LYS A 85 1.94 -3.19 11.71
N MET A 86 3.17 -2.76 11.49
CA MET A 86 3.57 -1.42 11.88
C MET A 86 2.90 -0.31 11.07
N ALA A 87 2.47 -0.63 9.85
CA ALA A 87 1.95 0.38 8.93
C ALA A 87 0.80 1.18 9.51
N PHE A 88 -0.13 0.52 10.22
CA PHE A 88 -1.24 1.24 10.87
C PHE A 88 -1.13 1.22 12.42
N GLY A 89 0.09 1.33 12.93
CA GLY A 89 0.29 1.54 14.36
C GLY A 89 0.46 0.29 15.20
N GLY A 90 0.68 -0.87 14.56
CA GLY A 90 0.85 -2.10 15.30
C GLY A 90 2.11 -2.06 16.13
N LEU A 91 2.03 -2.58 17.36
CA LEU A 91 3.20 -2.63 18.24
C LEU A 91 3.53 -4.07 18.62
N LYS A 92 4.70 -4.55 18.18
CA LYS A 92 5.21 -5.89 18.48
C LYS A 92 5.23 -6.22 19.98
N LYS A 93 5.97 -5.40 20.73
CA LYS A 93 6.24 -5.65 22.15
C LYS A 93 5.07 -5.27 23.05
N GLU A 94 4.68 -6.21 23.91
CA GLU A 94 3.56 -6.03 24.84
C GLU A 94 3.81 -4.83 25.77
N LYS A 95 5.08 -4.57 26.10
CA LYS A 95 5.40 -3.45 26.98
C LYS A 95 5.18 -2.12 26.26
N ASP A 96 5.46 -2.11 24.95
CA ASP A 96 5.21 -0.91 24.15
C ASP A 96 3.73 -0.61 24.16
N ARG A 97 2.92 -1.65 24.01
CA ARG A 97 1.47 -1.50 24.01
C ARG A 97 0.95 -1.05 25.36
N ASN A 98 1.54 -1.56 26.44
CA ASN A 98 1.18 -1.09 27.77
C ASN A 98 1.55 0.36 27.94
N ASP A 99 2.78 0.71 27.55
CA ASP A 99 3.25 2.08 27.65
C ASP A 99 2.37 3.03 26.84
N LEU A 100 2.09 2.65 25.60
CA LEU A 100 1.24 3.45 24.72
C LEU A 100 -0.11 3.71 25.38
N ILE A 101 -0.76 2.65 25.87
CA ILE A 101 -2.10 2.74 26.41
C ILE A 101 -2.14 3.58 27.70
N THR A 102 -1.07 3.50 28.48
CA THR A 102 -0.96 4.26 29.72
C THR A 102 -0.96 5.74 29.39
N TYR A 103 -0.15 6.11 28.41
CA TYR A 103 -0.14 7.48 27.92
C TYR A 103 -1.49 7.87 27.33
N LEU A 104 -2.06 6.98 26.51
CA LEU A 104 -3.24 7.37 25.72
C LEU A 104 -4.42 7.61 26.65
N LYS A 105 -4.59 6.75 27.66
CA LYS A 105 -5.62 6.94 28.67
C LYS A 105 -5.55 8.32 29.33
N LYS A 106 -4.34 8.81 29.56
CA LYS A 106 -4.21 10.15 30.10
C LYS A 106 -4.41 11.20 29.03
N ALA A 107 -3.73 11.03 27.90
CA ALA A 107 -3.71 12.05 26.85
C ALA A 107 -5.08 12.30 26.22
N SER A 108 -5.96 11.32 26.31
CA SER A 108 -7.25 11.37 25.65
C SER A 108 -8.41 11.76 26.56
N GLU A 109 -8.16 11.82 27.87
CA GLU A 109 -9.25 12.11 28.81
C GLU A 109 -9.50 13.62 28.87
N PHE B 4 21.36 13.25 -18.38
CA PHE B 4 22.28 12.55 -17.48
C PHE B 4 23.71 13.07 -17.62
N LYS B 5 24.37 13.28 -16.49
CA LYS B 5 25.82 13.53 -16.48
C LYS B 5 26.45 12.66 -15.41
N ALA B 6 27.60 12.06 -15.76
CA ALA B 6 28.30 11.13 -14.89
C ALA B 6 28.46 11.70 -13.49
N GLY B 7 28.15 10.88 -12.50
CA GLY B 7 28.19 11.33 -11.12
C GLY B 7 29.11 10.46 -10.32
N SER B 8 28.76 10.24 -9.06
CA SER B 8 29.55 9.42 -8.13
C SER B 8 29.06 7.99 -8.03
N ALA B 9 29.78 7.05 -8.65
CA ALA B 9 29.49 5.65 -8.48
C ALA B 9 29.44 5.24 -7.01
N LYS B 10 30.28 5.86 -6.17
CA LYS B 10 30.33 5.51 -4.74
C LYS B 10 29.05 5.90 -4.01
N LYS B 11 28.53 7.09 -4.30
CA LYS B 11 27.28 7.52 -3.69
C LYS B 11 26.12 6.74 -4.30
N GLY B 12 26.25 6.35 -5.56
CA GLY B 12 25.25 5.51 -6.20
C GLY B 12 25.14 4.13 -5.59
N ALA B 13 26.26 3.60 -5.09
CA ALA B 13 26.29 2.26 -4.50
C ALA B 13 25.51 2.26 -3.18
N THR B 14 25.73 3.31 -2.40
CA THR B 14 25.03 3.52 -1.16
C THR B 14 23.53 3.73 -1.41
N LEU B 15 23.20 4.45 -2.47
CA LEU B 15 21.80 4.65 -2.83
C LEU B 15 21.12 3.32 -3.20
N PHE B 16 21.76 2.53 -4.06
CA PHE B 16 21.21 1.24 -4.45
C PHE B 16 20.96 0.35 -3.22
N LYS B 17 21.92 0.33 -2.31
CA LYS B 17 21.84 -0.49 -1.13
C LYS B 17 20.67 -0.07 -0.24
N THR B 18 20.43 1.22 -0.10
CA THR B 18 19.37 1.68 0.80
C THR B 18 18.02 1.87 0.11
N ARG B 19 18.01 1.96 -1.23
CA ARG B 19 16.78 2.27 -1.95
C ARG B 19 16.28 1.18 -2.92
N CYS B 20 17.14 0.23 -3.30
CA CYS B 20 16.86 -0.65 -4.42
C CYS B 20 17.00 -2.09 -4.06
N LEU B 21 18.00 -2.34 -3.21
CA LEU B 21 18.39 -3.68 -2.83
C LEU B 21 17.22 -4.50 -2.23
N GLN B 22 16.30 -3.82 -1.56
CA GLN B 22 15.18 -4.49 -0.93
C GLN B 22 14.31 -5.23 -1.97
N CYS B 23 14.35 -4.76 -3.23
CA CYS B 23 13.55 -5.39 -4.30
C CYS B 23 14.33 -5.88 -5.53
N HIS B 24 15.62 -5.56 -5.61
CA HIS B 24 16.43 -5.94 -6.76
C HIS B 24 17.84 -6.42 -6.37
N THR B 25 18.33 -7.45 -7.06
CA THR B 25 19.75 -7.74 -7.07
C THR B 25 20.31 -7.27 -8.40
N VAL B 26 21.62 -7.23 -8.52
CA VAL B 26 22.19 -6.65 -9.74
C VAL B 26 23.31 -7.51 -10.32
N GLU B 27 23.88 -8.39 -9.50
CA GLU B 27 24.95 -9.26 -9.99
C GLU B 27 24.42 -10.28 -11.01
N LYS B 28 25.30 -10.72 -11.90
CA LYS B 28 24.99 -11.77 -12.86
C LYS B 28 24.54 -13.06 -12.19
N GLY B 29 23.36 -13.54 -12.55
CA GLY B 29 22.82 -14.74 -11.94
C GLY B 29 22.15 -14.46 -10.61
N GLY B 30 22.05 -13.18 -10.24
CA GLY B 30 21.41 -12.81 -9.00
C GLY B 30 19.94 -13.20 -8.98
N PRO B 31 19.37 -13.40 -7.77
CA PRO B 31 17.98 -13.86 -7.73
C PRO B 31 16.97 -12.74 -7.96
N HIS B 32 15.85 -13.06 -8.57
CA HIS B 32 14.70 -12.15 -8.54
C HIS B 32 14.17 -12.00 -7.10
N LYS B 33 13.59 -10.83 -6.84
CA LYS B 33 12.89 -10.56 -5.60
C LYS B 33 11.52 -10.02 -5.97
N VAL B 34 10.99 -9.11 -5.16
CA VAL B 34 9.76 -8.45 -5.56
C VAL B 34 9.88 -7.88 -6.98
N GLY B 35 11.07 -7.35 -7.33
CA GLY B 35 11.35 -6.91 -8.68
C GLY B 35 12.44 -7.79 -9.26
N PRO B 36 12.70 -7.63 -10.56
CA PRO B 36 13.61 -8.53 -11.27
C PRO B 36 15.06 -8.21 -11.07
N ASN B 37 15.89 -9.22 -11.27
CA ASN B 37 17.33 -9.01 -11.25
C ASN B 37 17.67 -8.03 -12.38
N LEU B 38 18.65 -7.18 -12.13
CA LEU B 38 18.93 -6.07 -13.01
C LEU B 38 20.23 -6.20 -13.81
N HIS B 39 20.86 -7.37 -13.75
CA HIS B 39 22.08 -7.58 -14.53
C HIS B 39 21.86 -7.34 -16.00
N GLY B 40 22.76 -6.57 -16.62
CA GLY B 40 22.69 -6.36 -18.06
C GLY B 40 21.52 -5.50 -18.49
N ILE B 41 20.94 -4.74 -17.56
CA ILE B 41 19.74 -3.97 -17.86
C ILE B 41 19.98 -2.84 -18.89
N PHE B 42 21.18 -2.26 -18.90
CA PHE B 42 21.49 -1.20 -19.88
C PHE B 42 21.82 -1.74 -21.29
N GLY B 43 21.96 -3.05 -21.42
CA GLY B 43 22.02 -3.65 -22.75
C GLY B 43 20.73 -4.38 -23.17
N ARG B 44 19.58 -3.94 -22.64
CA ARG B 44 18.31 -4.66 -22.82
C ARG B 44 17.12 -3.73 -23.07
N HIS B 45 16.07 -4.25 -23.70
CA HIS B 45 14.77 -3.58 -23.70
C HIS B 45 14.10 -3.80 -22.34
N SER B 46 13.18 -2.93 -21.97
CA SER B 46 12.52 -3.07 -20.67
C SER B 46 11.60 -4.29 -20.63
N GLY B 47 11.36 -4.81 -19.43
CA GLY B 47 10.36 -5.84 -19.25
C GLY B 47 10.72 -7.19 -19.82
N GLN B 48 12.01 -7.50 -19.87
CA GLN B 48 12.46 -8.73 -20.50
C GLN B 48 13.46 -9.58 -19.71
N ALA B 49 13.68 -9.31 -18.42
CA ALA B 49 14.59 -10.15 -17.66
C ALA B 49 14.11 -11.60 -17.64
N GLU B 50 14.99 -12.54 -17.94
CA GLU B 50 14.67 -13.98 -17.89
C GLU B 50 14.23 -14.45 -16.52
N GLY B 51 13.18 -15.28 -16.49
CA GLY B 51 12.73 -15.89 -15.26
C GLY B 51 11.79 -15.00 -14.46
N TYR B 52 11.53 -13.81 -14.97
CA TYR B 52 10.60 -12.89 -14.30
C TYR B 52 9.46 -12.52 -15.23
N SER B 53 8.25 -12.52 -14.69
CA SER B 53 7.07 -12.16 -15.44
C SER B 53 6.50 -10.86 -14.85
N TYR B 54 6.41 -9.84 -15.70
CA TYR B 54 6.07 -8.47 -15.29
C TYR B 54 4.57 -8.19 -15.24
N THR B 55 4.21 -7.04 -14.66
CA THR B 55 2.85 -6.49 -14.79
C THR B 55 2.61 -6.08 -16.24
N ASP B 56 1.40 -5.57 -16.51
CA ASP B 56 1.01 -5.12 -17.86
C ASP B 56 1.80 -3.92 -18.33
N ALA B 57 2.60 -3.35 -17.44
CA ALA B 57 3.41 -2.19 -17.76
C ALA B 57 4.31 -2.46 -18.97
N ASN B 58 4.76 -3.71 -19.16
CA ASN B 58 5.68 -3.96 -20.25
C ASN B 58 5.01 -4.27 -21.59
N ILE B 59 3.68 -4.27 -21.64
CA ILE B 59 3.01 -4.28 -22.96
C ILE B 59 2.42 -2.88 -23.24
N LYS B 60 2.54 -1.98 -22.26
CA LYS B 60 2.04 -0.61 -22.38
C LYS B 60 3.17 0.32 -22.82
N LYS B 61 4.26 0.31 -22.08
CA LYS B 61 5.41 1.14 -22.38
C LYS B 61 6.61 0.26 -22.73
N ASN B 62 7.45 0.73 -23.65
CA ASN B 62 8.70 0.05 -23.99
C ASN B 62 9.84 1.00 -24.28
N VAL B 63 10.94 0.81 -23.56
CA VAL B 63 12.17 1.51 -23.87
C VAL B 63 13.32 0.52 -23.97
N LEU B 64 14.26 0.83 -24.85
CA LEU B 64 15.61 0.28 -24.73
C LEU B 64 16.28 1.12 -23.64
N TRP B 65 16.66 0.51 -22.52
CA TRP B 65 17.19 1.28 -21.39
C TRP B 65 18.51 1.96 -21.71
N ASP B 66 18.62 3.23 -21.32
CA ASP B 66 19.88 3.97 -21.31
C ASP B 66 19.78 4.97 -20.17
N GLU B 67 20.77 5.85 -20.02
CA GLU B 67 20.80 6.75 -18.86
C GLU B 67 19.65 7.74 -18.87
N ASN B 68 19.19 8.07 -20.07
CA ASN B 68 18.14 9.08 -20.23
C ASN B 68 16.80 8.61 -19.72
N ASN B 69 16.21 7.61 -20.39
CA ASN B 69 14.89 7.10 -19.98
C ASN B 69 14.91 6.47 -18.57
N MET B 70 16.05 5.91 -18.17
CA MET B 70 16.23 5.41 -16.80
C MET B 70 16.16 6.52 -15.75
N SER B 71 16.73 7.68 -16.05
CA SER B 71 16.69 8.79 -15.08
C SER B 71 15.29 9.32 -14.87
N GLU B 72 14.51 9.38 -15.94
CA GLU B 72 13.16 9.91 -15.86
C GLU B 72 12.23 8.87 -15.20
N TYR B 73 12.43 7.60 -15.53
CA TYR B 73 11.75 6.48 -14.84
C TYR B 73 11.88 6.57 -13.34
N LEU B 74 13.12 6.69 -12.88
CA LEU B 74 13.42 6.74 -11.46
C LEU B 74 12.95 8.03 -10.78
N THR B 75 12.36 8.93 -11.54
CA THR B 75 11.78 10.12 -10.95
C THR B 75 10.50 9.73 -10.21
N ASN B 76 9.83 8.70 -10.72
CA ASN B 76 8.59 8.19 -10.13
C ASN B 76 8.22 6.86 -10.78
N PRO B 77 8.79 5.76 -10.28
CA PRO B 77 8.55 4.45 -10.89
C PRO B 77 7.17 3.90 -10.57
N ALA B 78 6.59 4.36 -9.46
CA ALA B 78 5.30 3.88 -9.01
C ALA B 78 4.19 4.20 -10.02
N LYS B 79 4.35 5.30 -10.77
CA LYS B 79 3.34 5.67 -11.76
C LYS B 79 3.22 4.68 -12.92
N TYR B 80 4.22 3.80 -13.09
CA TYR B 80 4.14 2.79 -14.14
C TYR B 80 3.59 1.46 -13.63
N ILE B 81 3.33 1.39 -12.34
CA ILE B 81 2.67 0.22 -11.76
C ILE B 81 1.16 0.39 -11.87
N PRO B 82 0.50 -0.49 -12.63
CA PRO B 82 -0.95 -0.42 -12.84
C PRO B 82 -1.71 -0.39 -11.51
N GLY B 83 -2.64 0.54 -11.37
CA GLY B 83 -3.40 0.64 -10.14
C GLY B 83 -2.95 1.80 -9.27
N THR B 84 -1.70 2.23 -9.46
CA THR B 84 -1.13 3.32 -8.67
C THR B 84 -1.94 4.59 -8.74
N LYS B 85 -2.26 5.01 -9.96
CA LYS B 85 -2.94 6.28 -10.14
C LYS B 85 -4.40 6.17 -9.69
N MET B 86 -5.04 5.06 -10.02
CA MET B 86 -6.43 4.87 -9.63
C MET B 86 -6.62 4.80 -8.12
N ALA B 87 -5.60 4.34 -7.40
CA ALA B 87 -5.69 4.03 -5.97
C ALA B 87 -6.20 5.20 -5.13
N PHE B 88 -5.78 6.42 -5.46
CA PHE B 88 -6.25 7.60 -4.74
C PHE B 88 -7.15 8.49 -5.62
N GLY B 89 -7.92 7.86 -6.49
CA GLY B 89 -8.92 8.57 -7.28
C GLY B 89 -8.47 9.12 -8.62
N GLY B 90 -7.31 8.68 -9.10
CA GLY B 90 -6.83 9.11 -10.41
C GLY B 90 -7.72 8.67 -11.56
N LEU B 91 -7.97 9.58 -12.50
CA LEU B 91 -8.78 9.25 -13.68
C LEU B 91 -7.98 9.45 -14.95
N LYS B 92 -7.75 8.36 -15.68
CA LYS B 92 -6.91 8.36 -16.88
C LYS B 92 -7.55 9.16 -18.01
N LYS B 93 -8.82 8.88 -18.28
CA LYS B 93 -9.51 9.50 -19.40
C LYS B 93 -10.01 10.90 -19.06
N GLU B 94 -9.54 11.87 -19.85
CA GLU B 94 -9.87 13.29 -19.67
C GLU B 94 -11.38 13.55 -19.63
N LYS B 95 -12.12 12.76 -20.39
CA LYS B 95 -13.56 12.87 -20.41
C LYS B 95 -14.10 12.56 -19.01
N ASP B 96 -13.56 11.51 -18.39
CA ASP B 96 -13.93 11.13 -17.03
C ASP B 96 -13.65 12.27 -16.07
N ARG B 97 -12.48 12.88 -16.20
CA ARG B 97 -12.14 14.01 -15.36
C ARG B 97 -13.11 15.18 -15.58
N ASN B 98 -13.38 15.49 -16.85
CA ASN B 98 -14.37 16.51 -17.18
C ASN B 98 -15.71 16.20 -16.52
N ASP B 99 -16.15 14.97 -16.67
CA ASP B 99 -17.41 14.53 -16.10
C ASP B 99 -17.43 14.67 -14.58
N LEU B 100 -16.39 14.17 -13.93
CA LEU B 100 -16.32 14.18 -12.48
C LEU B 100 -16.35 15.61 -11.97
N ILE B 101 -15.55 16.48 -12.58
CA ILE B 101 -15.44 17.88 -12.14
C ILE B 101 -16.75 18.65 -12.32
N THR B 102 -17.47 18.35 -13.42
CA THR B 102 -18.75 19.00 -13.69
C THR B 102 -19.74 18.68 -12.60
N TYR B 103 -19.78 17.41 -12.20
CA TYR B 103 -20.62 16.98 -11.10
C TYR B 103 -20.15 17.63 -9.79
N LEU B 104 -18.83 17.66 -9.58
CA LEU B 104 -18.33 18.01 -8.26
C LEU B 104 -18.56 19.49 -7.98
N LYS B 105 -18.40 20.32 -9.02
CA LYS B 105 -18.73 21.74 -8.92
C LYS B 105 -20.17 21.98 -8.46
N LYS B 106 -21.10 21.12 -8.84
CA LYS B 106 -22.48 21.24 -8.38
C LYS B 106 -22.70 20.59 -7.01
N ALA B 107 -22.19 19.39 -6.83
CA ALA B 107 -22.43 18.64 -5.60
C ALA B 107 -21.77 19.29 -4.37
N SER B 108 -20.76 20.14 -4.60
CA SER B 108 -19.97 20.70 -3.50
C SER B 108 -20.33 22.16 -3.16
N GLU B 109 -21.12 22.80 -4.03
CA GLU B 109 -21.52 24.19 -3.79
C GLU B 109 -22.72 24.19 -2.87
N PHE C 4 -10.15 22.11 -19.29
CA PHE C 4 -11.45 21.56 -18.87
C PHE C 4 -12.59 22.01 -19.80
N LYS C 5 -13.43 21.07 -20.17
CA LYS C 5 -14.67 21.40 -20.86
C LYS C 5 -15.83 20.76 -20.12
N ALA C 6 -16.97 21.45 -20.07
CA ALA C 6 -18.15 20.95 -19.39
C ALA C 6 -18.56 19.61 -19.97
N GLY C 7 -18.89 18.68 -19.07
CA GLY C 7 -19.28 17.35 -19.46
C GLY C 7 -20.59 16.96 -18.82
N SER C 8 -20.72 15.67 -18.51
CA SER C 8 -21.93 15.09 -17.97
C SER C 8 -21.91 14.99 -16.43
N ALA C 9 -22.71 15.81 -15.76
CA ALA C 9 -22.78 15.73 -14.31
C ALA C 9 -23.30 14.36 -13.88
N LYS C 10 -24.15 13.78 -14.71
CA LYS C 10 -24.75 12.48 -14.41
C LYS C 10 -23.70 11.39 -14.33
N LYS C 11 -22.77 11.39 -15.28
CA LYS C 11 -21.73 10.37 -15.30
C LYS C 11 -20.68 10.72 -14.24
N GLY C 12 -20.51 12.01 -13.99
CA GLY C 12 -19.64 12.48 -12.93
C GLY C 12 -20.08 11.99 -11.57
N ALA C 13 -21.40 11.91 -11.34
CA ALA C 13 -21.96 11.44 -10.09
C ALA C 13 -21.61 9.98 -9.83
N THR C 14 -21.78 9.18 -10.88
CA THR C 14 -21.42 7.76 -10.85
C THR C 14 -19.93 7.58 -10.56
N LEU C 15 -19.10 8.40 -11.18
CA LEU C 15 -17.65 8.32 -10.97
C LEU C 15 -17.31 8.63 -9.51
N PHE C 16 -17.85 9.73 -8.98
CA PHE C 16 -17.62 10.08 -7.58
C PHE C 16 -18.03 8.94 -6.64
N LYS C 17 -19.22 8.38 -6.89
CA LYS C 17 -19.76 7.31 -6.07
C LYS C 17 -18.85 6.09 -6.08
N THR C 18 -18.30 5.75 -7.24
CA THR C 18 -17.50 4.54 -7.34
C THR C 18 -16.00 4.77 -7.12
N ARG C 19 -15.54 6.02 -7.22
CA ARG C 19 -14.10 6.30 -7.15
C ARG C 19 -13.65 7.25 -6.03
N CYS C 20 -14.58 7.98 -5.43
CA CYS C 20 -14.22 9.05 -4.49
C CYS C 20 -14.87 8.87 -3.16
N LEU C 21 -16.12 8.43 -3.21
CA LEU C 21 -16.97 8.25 -2.03
C LEU C 21 -16.30 7.44 -0.89
N GLN C 22 -15.46 6.48 -1.27
CA GLN C 22 -14.86 5.61 -0.27
C GLN C 22 -13.92 6.41 0.65
N CYS C 23 -13.49 7.59 0.18
CA CYS C 23 -12.58 8.43 0.99
C CYS C 23 -13.04 9.87 1.20
N HIS C 24 -14.11 10.29 0.53
CA HIS C 24 -14.61 11.67 0.66
C HIS C 24 -16.14 11.77 0.74
N THR C 25 -16.64 12.71 1.54
CA THR C 25 -18.02 13.16 1.36
C THR C 25 -17.99 14.55 0.72
N VAL C 26 -19.16 15.03 0.33
CA VAL C 26 -19.18 16.30 -0.41
C VAL C 26 -20.30 17.24 0.07
N GLU C 27 -21.26 16.70 0.81
CA GLU C 27 -22.35 17.52 1.30
C GLU C 27 -21.89 18.43 2.44
N LYS C 28 -22.50 19.60 2.53
CA LYS C 28 -22.19 20.57 3.58
C LYS C 28 -22.30 19.92 4.95
N GLY C 29 -21.22 20.00 5.72
CA GLY C 29 -21.20 19.42 7.06
C GLY C 29 -21.00 17.93 7.04
N GLY C 30 -20.73 17.36 5.87
CA GLY C 30 -20.48 15.94 5.77
C GLY C 30 -19.22 15.56 6.54
N PRO C 31 -19.10 14.29 6.94
CA PRO C 31 -17.97 13.86 7.75
C PRO C 31 -16.67 13.69 6.97
N HIS C 32 -15.55 13.94 7.64
CA HIS C 32 -14.26 13.51 7.14
C HIS C 32 -14.18 11.98 7.16
N LYS C 33 -13.40 11.45 6.22
CA LYS C 33 -13.09 10.03 6.18
C LYS C 33 -11.57 9.94 6.06
N VAL C 34 -11.07 8.98 5.31
CA VAL C 34 -9.63 8.89 5.08
C VAL C 34 -9.16 10.23 4.48
N GLY C 35 -9.97 10.81 3.57
CA GLY C 35 -9.74 12.13 3.04
C GLY C 35 -10.77 13.11 3.58
N PRO C 36 -10.54 14.41 3.38
CA PRO C 36 -11.42 15.45 3.92
C PRO C 36 -12.72 15.62 3.16
N ASN C 37 -13.72 16.17 3.84
CA ASN C 37 -14.98 16.52 3.20
C ASN C 37 -14.69 17.60 2.16
N LEU C 38 -15.38 17.57 1.03
CA LEU C 38 -15.06 18.41 -0.10
C LEU C 38 -16.08 19.51 -0.37
N HIS C 39 -17.00 19.71 0.57
CA HIS C 39 -17.95 20.79 0.40
C HIS C 39 -17.21 22.11 0.21
N GLY C 40 -17.54 22.83 -0.85
CA GLY C 40 -17.00 24.15 -1.08
C GLY C 40 -15.56 24.23 -1.54
N ILE C 41 -14.98 23.13 -2.01
CA ILE C 41 -13.57 23.15 -2.41
C ILE C 41 -13.23 24.14 -3.53
N PHE C 42 -14.16 24.34 -4.45
CA PHE C 42 -13.89 25.23 -5.60
C PHE C 42 -13.89 26.72 -5.22
N GLY C 43 -14.29 27.01 -3.98
CA GLY C 43 -14.11 28.35 -3.45
C GLY C 43 -13.10 28.40 -2.32
N ARG C 44 -12.09 27.52 -2.37
CA ARG C 44 -11.08 27.43 -1.32
C ARG C 44 -9.68 27.22 -1.88
N HIS C 45 -8.67 27.48 -1.06
CA HIS C 45 -7.31 26.99 -1.33
C HIS C 45 -7.16 25.53 -0.89
N SER C 46 -6.16 24.86 -1.44
CA SER C 46 -5.74 23.54 -1.00
C SER C 46 -5.53 23.46 0.50
N GLY C 47 -5.89 22.31 1.09
CA GLY C 47 -5.40 21.97 2.41
C GLY C 47 -5.96 22.77 3.55
N GLN C 48 -7.20 23.21 3.39
CA GLN C 48 -7.80 24.14 4.35
C GLN C 48 -9.12 23.66 4.97
N ALA C 49 -9.60 22.48 4.59
CA ALA C 49 -10.91 22.03 5.09
C ALA C 49 -10.92 22.04 6.61
N GLU C 50 -11.93 22.68 7.19
CA GLU C 50 -12.08 22.75 8.65
C GLU C 50 -12.16 21.36 9.27
N GLY C 51 -11.38 21.13 10.34
CA GLY C 51 -11.49 19.89 11.11
C GLY C 51 -10.67 18.74 10.57
N TYR C 52 -9.84 19.01 9.57
CA TYR C 52 -9.00 17.97 8.98
C TYR C 52 -7.56 18.43 8.90
N SER C 53 -6.62 17.57 9.31
CA SER C 53 -5.20 17.90 9.24
C SER C 53 -4.50 17.06 8.17
N TYR C 54 -3.86 17.75 7.23
CA TYR C 54 -3.31 17.15 6.00
C TYR C 54 -1.89 16.60 6.14
N THR C 55 -1.44 15.84 5.14
CA THR C 55 0.00 15.54 5.06
C THR C 55 0.78 16.82 4.75
N ASP C 56 2.10 16.68 4.64
CA ASP C 56 2.99 17.81 4.35
C ASP C 56 2.73 18.37 2.96
N ALA C 57 1.92 17.66 2.18
CA ALA C 57 1.62 18.08 0.82
C ALA C 57 1.08 19.51 0.78
N ASN C 58 0.39 19.94 1.83
CA ASN C 58 -0.22 21.26 1.79
C ASN C 58 0.72 22.36 2.29
N ILE C 59 1.95 21.98 2.64
CA ILE C 59 3.03 22.93 2.85
C ILE C 59 3.89 23.00 1.58
N LYS C 60 3.92 21.89 0.84
CA LYS C 60 4.78 21.77 -0.34
C LYS C 60 4.18 22.53 -1.52
N LYS C 61 2.92 22.25 -1.83
CA LYS C 61 2.24 22.96 -2.90
C LYS C 61 0.90 23.53 -2.47
N ASN C 62 0.57 24.71 -3.00
CA ASN C 62 -0.72 25.33 -2.74
C ASN C 62 -1.32 25.90 -4.02
N VAL C 63 -2.60 25.58 -4.21
CA VAL C 63 -3.39 26.15 -5.29
C VAL C 63 -4.74 26.56 -4.70
N LEU C 64 -5.41 27.54 -5.28
CA LEU C 64 -6.83 27.66 -4.98
C LEU C 64 -7.56 26.93 -6.11
N TRP C 65 -8.44 26.01 -5.73
CA TRP C 65 -8.98 25.06 -6.70
C TRP C 65 -9.89 25.70 -7.71
N ASP C 66 -9.73 25.28 -8.96
CA ASP C 66 -10.68 25.55 -10.03
C ASP C 66 -10.67 24.31 -10.90
N GLU C 67 -11.30 24.38 -12.06
CA GLU C 67 -11.56 23.20 -12.87
C GLU C 67 -10.35 22.55 -13.51
N ASN C 68 -9.38 23.33 -13.96
CA ASN C 68 -8.30 22.65 -14.69
C ASN C 68 -7.07 22.33 -13.83
N ASN C 69 -6.83 23.03 -12.72
CA ASN C 69 -5.80 22.51 -11.81
C ASN C 69 -6.34 21.29 -11.03
N MET C 70 -7.66 21.25 -10.83
CA MET C 70 -8.32 20.05 -10.30
C MET C 70 -8.18 18.92 -11.30
N SER C 71 -8.28 19.24 -12.58
CA SER C 71 -8.17 18.23 -13.63
C SER C 71 -6.79 17.59 -13.71
N GLU C 72 -5.76 18.42 -13.54
CA GLU C 72 -4.39 17.92 -13.52
C GLU C 72 -4.10 17.10 -12.25
N TYR C 73 -4.56 17.60 -11.10
CA TYR C 73 -4.50 16.87 -9.83
C TYR C 73 -5.02 15.46 -9.98
N LEU C 74 -6.25 15.36 -10.47
CA LEU C 74 -6.95 14.08 -10.60
C LEU C 74 -6.36 13.17 -11.68
N THR C 75 -5.33 13.66 -12.38
CA THR C 75 -4.60 12.82 -13.30
C THR C 75 -3.81 11.79 -12.51
N ASN C 76 -3.27 12.24 -11.37
CA ASN C 76 -2.46 11.37 -10.53
C ASN C 76 -2.35 11.96 -9.11
N PRO C 77 -3.37 11.74 -8.27
CA PRO C 77 -3.33 12.35 -6.93
C PRO C 77 -2.26 11.71 -6.04
N ALA C 78 -1.95 10.43 -6.29
CA ALA C 78 -1.03 9.69 -5.42
C ALA C 78 0.36 10.31 -5.39
N LYS C 79 0.78 10.96 -6.48
CA LYS C 79 2.13 11.53 -6.50
C LYS C 79 2.28 12.76 -5.60
N TYR C 80 1.16 13.32 -5.14
CA TYR C 80 1.23 14.42 -4.18
C TYR C 80 1.20 13.92 -2.74
N ILE C 81 0.95 12.62 -2.56
CA ILE C 81 1.10 11.98 -1.25
C ILE C 81 2.58 11.68 -1.00
N PRO C 82 3.15 12.27 0.05
CA PRO C 82 4.56 12.07 0.37
C PRO C 82 4.85 10.60 0.72
N GLY C 83 5.91 10.03 0.13
CA GLY C 83 6.22 8.63 0.33
C GLY C 83 5.92 7.79 -0.92
N THR C 84 4.95 8.23 -1.71
CA THR C 84 4.52 7.47 -2.88
C THR C 84 5.65 7.21 -3.86
N LYS C 85 6.38 8.27 -4.17
CA LYS C 85 7.44 8.19 -5.15
C LYS C 85 8.63 7.35 -4.63
N MET C 86 9.01 7.56 -3.37
CA MET C 86 10.13 6.80 -2.82
C MET C 86 9.84 5.30 -2.71
N ALA C 87 8.55 4.98 -2.53
CA ALA C 87 8.10 3.61 -2.29
C ALA C 87 8.72 2.60 -3.24
N PHE C 88 8.73 2.92 -4.53
CA PHE C 88 9.30 2.01 -5.51
C PHE C 88 10.60 2.55 -6.11
N GLY C 89 11.42 3.16 -5.27
CA GLY C 89 12.76 3.55 -5.66
C GLY C 89 12.88 4.92 -6.31
N GLY C 90 11.82 5.73 -6.25
CA GLY C 90 11.90 7.07 -6.81
C GLY C 90 12.97 7.92 -6.13
N LEU C 91 13.69 8.70 -6.92
CA LEU C 91 14.71 9.62 -6.40
C LEU C 91 14.42 11.06 -6.85
N LYS C 92 14.15 11.92 -5.87
CA LYS C 92 13.76 13.30 -6.15
C LYS C 92 14.92 14.14 -6.72
N LYS C 93 16.10 14.04 -6.10
CA LYS C 93 17.28 14.81 -6.55
C LYS C 93 17.88 14.25 -7.83
N GLU C 94 18.12 15.12 -8.81
CA GLU C 94 18.72 14.69 -10.07
C GLU C 94 20.13 14.17 -9.86
N LYS C 95 20.85 14.75 -8.91
CA LYS C 95 22.21 14.30 -8.61
C LYS C 95 22.19 12.88 -8.02
N ASP C 96 21.15 12.56 -7.24
CA ASP C 96 20.93 11.21 -6.74
C ASP C 96 20.74 10.24 -7.90
N ARG C 97 19.88 10.63 -8.83
CA ARG C 97 19.58 9.82 -10.00
C ARG C 97 20.81 9.66 -10.88
N ASN C 98 21.63 10.72 -10.95
CA ASN C 98 22.90 10.65 -11.65
C ASN C 98 23.82 9.66 -10.98
N ASP C 99 23.96 9.79 -9.66
CA ASP C 99 24.86 8.93 -8.90
C ASP C 99 24.44 7.46 -8.98
N LEU C 100 23.15 7.21 -8.86
CA LEU C 100 22.66 5.84 -8.92
C LEU C 100 22.94 5.18 -10.26
N ILE C 101 22.60 5.88 -11.35
CA ILE C 101 22.80 5.35 -12.70
C ILE C 101 24.27 5.09 -13.01
N THR C 102 25.13 6.01 -12.58
CA THR C 102 26.57 5.84 -12.73
C THR C 102 27.01 4.55 -12.09
N TYR C 103 26.51 4.28 -10.89
CA TYR C 103 26.82 3.04 -10.19
C TYR C 103 26.18 1.83 -10.86
N LEU C 104 24.93 1.99 -11.27
CA LEU C 104 24.17 0.84 -11.78
C LEU C 104 24.77 0.40 -13.11
N LYS C 105 25.20 1.37 -13.93
CA LYS C 105 25.91 1.04 -15.17
C LYS C 105 27.14 0.17 -14.93
N LYS C 106 27.89 0.43 -13.87
CA LYS C 106 29.05 -0.40 -13.57
C LYS C 106 28.61 -1.74 -12.99
N ALA C 107 27.71 -1.70 -12.01
CA ALA C 107 27.34 -2.87 -11.22
C ALA C 107 26.59 -3.93 -12.02
N SER C 108 25.87 -3.49 -13.05
CA SER C 108 25.03 -4.38 -13.84
C SER C 108 25.76 -4.97 -15.06
N GLU C 109 26.99 -4.52 -15.31
CA GLU C 109 27.81 -5.10 -16.37
C GLU C 109 28.42 -6.43 -15.94
N PHE D 4 -3.25 -6.36 30.53
CA PHE D 4 -2.63 -5.03 30.54
C PHE D 4 -2.09 -4.68 31.92
N LYS D 5 -0.88 -4.12 31.95
CA LYS D 5 -0.31 -3.60 33.19
C LYS D 5 0.04 -2.14 32.98
N ALA D 6 -0.21 -1.31 33.99
CA ALA D 6 0.19 0.09 33.92
C ALA D 6 1.67 0.15 33.63
N GLY D 7 2.04 1.00 32.69
CA GLY D 7 3.42 1.11 32.25
C GLY D 7 3.91 2.54 32.34
N SER D 8 4.74 2.92 31.37
CA SER D 8 5.35 4.23 31.36
C SER D 8 4.65 5.21 30.41
N ALA D 9 3.98 6.20 30.98
CA ALA D 9 3.31 7.21 30.16
C ALA D 9 4.31 8.04 29.35
N LYS D 10 5.54 8.23 29.83
CA LYS D 10 6.49 9.03 29.05
C LYS D 10 7.00 8.29 27.81
N LYS D 11 7.25 7.00 27.94
CA LYS D 11 7.66 6.21 26.78
C LYS D 11 6.46 6.08 25.85
N GLY D 12 5.27 5.94 26.44
CA GLY D 12 4.05 5.84 25.68
C GLY D 12 3.80 7.06 24.84
N ALA D 13 4.26 8.21 25.33
CA ALA D 13 4.07 9.50 24.66
C ALA D 13 4.96 9.65 23.44
N THR D 14 6.17 9.10 23.55
CA THR D 14 7.12 9.08 22.44
C THR D 14 6.61 8.11 21.37
N LEU D 15 5.98 7.03 21.83
CA LEU D 15 5.43 6.04 20.91
C LEU D 15 4.30 6.64 20.07
N PHE D 16 3.40 7.37 20.71
CA PHE D 16 2.31 8.03 20.00
C PHE D 16 2.85 9.01 18.96
N LYS D 17 3.75 9.89 19.40
CA LYS D 17 4.33 10.88 18.50
C LYS D 17 4.96 10.21 17.26
N THR D 18 5.62 9.07 17.44
CA THR D 18 6.34 8.47 16.33
C THR D 18 5.55 7.42 15.55
N ARG D 19 4.50 6.87 16.18
CA ARG D 19 3.73 5.78 15.57
C ARG D 19 2.25 6.10 15.25
N CYS D 20 1.67 7.10 15.88
CA CYS D 20 0.23 7.32 15.81
C CYS D 20 -0.10 8.69 15.26
N LEU D 21 0.68 9.67 15.71
CA LEU D 21 0.46 11.07 15.40
C LEU D 21 0.27 11.34 13.91
N GLN D 22 0.93 10.56 13.06
CA GLN D 22 0.85 10.81 11.63
C GLN D 22 -0.58 10.59 11.12
N CYS D 23 -1.38 9.80 11.82
CA CYS D 23 -2.78 9.57 11.43
C CYS D 23 -3.82 9.98 12.48
N HIS D 24 -3.40 10.29 13.71
CA HIS D 24 -4.33 10.65 14.77
C HIS D 24 -3.90 11.88 15.58
N THR D 25 -4.89 12.66 16.04
CA THR D 25 -4.69 13.59 17.13
C THR D 25 -5.46 13.05 18.33
N VAL D 26 -5.18 13.62 19.51
CA VAL D 26 -5.73 13.06 20.71
C VAL D 26 -6.40 14.13 21.58
N GLU D 27 -6.04 15.39 21.37
CA GLU D 27 -6.61 16.47 22.16
C GLU D 27 -8.10 16.71 21.86
N LYS D 28 -8.83 17.16 22.87
CA LYS D 28 -10.22 17.56 22.70
C LYS D 28 -10.36 18.62 21.60
N GLY D 29 -11.22 18.34 20.63
CA GLY D 29 -11.43 19.25 19.53
C GLY D 29 -10.36 19.15 18.46
N GLY D 30 -9.44 18.19 18.62
CA GLY D 30 -8.38 17.99 17.65
C GLY D 30 -8.91 17.56 16.28
N PRO D 31 -8.18 17.88 15.21
CA PRO D 31 -8.67 17.55 13.87
C PRO D 31 -8.57 16.07 13.51
N HIS D 32 -9.51 15.59 12.70
CA HIS D 32 -9.36 14.31 12.04
C HIS D 32 -8.20 14.35 11.04
N LYS D 33 -7.56 13.22 10.85
CA LYS D 33 -6.56 13.07 9.82
C LYS D 33 -6.96 11.85 8.99
N VAL D 34 -5.98 11.11 8.49
CA VAL D 34 -6.31 9.84 7.85
C VAL D 34 -7.17 8.98 8.79
N GLY D 35 -6.87 8.99 10.08
CA GLY D 35 -7.71 8.35 11.07
C GLY D 35 -8.37 9.37 11.98
N PRO D 36 -9.34 8.93 12.79
CA PRO D 36 -10.12 9.83 13.64
C PRO D 36 -9.40 10.38 14.86
N ASN D 37 -9.82 11.57 15.28
CA ASN D 37 -9.37 12.12 16.54
C ASN D 37 -9.78 11.16 17.66
N LEU D 38 -8.90 11.00 18.63
CA LEU D 38 -9.06 9.96 19.63
C LEU D 38 -9.42 10.49 21.02
N HIS D 39 -9.77 11.78 21.11
CA HIS D 39 -10.18 12.30 22.41
C HIS D 39 -11.34 11.49 22.98
N GLY D 40 -11.26 11.11 24.24
CA GLY D 40 -12.35 10.39 24.89
C GLY D 40 -12.58 8.96 24.43
N ILE D 41 -11.62 8.40 23.70
CA ILE D 41 -11.78 7.07 23.10
C ILE D 41 -12.06 5.97 24.14
N PHE D 42 -11.50 6.09 25.35
CA PHE D 42 -11.70 5.04 26.37
C PHE D 42 -13.05 5.17 27.09
N GLY D 43 -13.81 6.20 26.75
CA GLY D 43 -15.16 6.34 27.25
C GLY D 43 -16.24 6.12 26.21
N ARG D 44 -15.90 5.43 25.10
CA ARG D 44 -16.88 5.23 24.04
C ARG D 44 -16.75 3.88 23.35
N HIS D 45 -17.75 3.57 22.52
CA HIS D 45 -17.68 2.42 21.62
C HIS D 45 -16.79 2.75 20.41
N SER D 46 -16.28 1.72 19.77
CA SER D 46 -15.48 1.87 18.58
C SER D 46 -16.33 2.38 17.43
N GLY D 47 -15.73 3.21 16.57
CA GLY D 47 -16.37 3.57 15.32
C GLY D 47 -17.42 4.66 15.39
N GLN D 48 -17.29 5.56 16.35
CA GLN D 48 -18.26 6.63 16.43
C GLN D 48 -17.71 7.98 16.87
N ALA D 49 -16.45 8.27 16.54
CA ALA D 49 -15.96 9.64 16.71
C ALA D 49 -16.80 10.59 15.86
N GLU D 50 -17.27 11.68 16.46
CA GLU D 50 -18.03 12.72 15.74
C GLU D 50 -17.25 13.29 14.55
N GLY D 51 -17.92 13.50 13.42
CA GLY D 51 -17.29 14.15 12.28
C GLY D 51 -16.45 13.24 11.41
N TYR D 52 -16.37 11.96 11.77
CA TYR D 52 -15.56 11.00 11.03
C TYR D 52 -16.41 9.82 10.58
N SER D 53 -16.21 9.39 9.34
CA SER D 53 -16.92 8.27 8.77
C SER D 53 -15.98 7.11 8.44
N TYR D 54 -16.25 5.95 9.06
CA TYR D 54 -15.34 4.80 9.10
C TYR D 54 -15.52 3.84 7.93
N THR D 55 -14.58 2.90 7.77
CA THR D 55 -14.78 1.78 6.87
C THR D 55 -15.85 0.85 7.45
N ASP D 56 -16.16 -0.22 6.73
CA ASP D 56 -17.20 -1.17 7.15
C ASP D 56 -16.78 -1.90 8.42
N ALA D 57 -15.53 -1.75 8.81
CA ALA D 57 -15.03 -2.37 10.03
C ALA D 57 -15.93 -2.07 11.22
N ASN D 58 -16.58 -0.91 11.25
CA ASN D 58 -17.37 -0.55 12.43
C ASN D 58 -18.82 -1.08 12.41
N ILE D 59 -19.26 -1.69 11.31
CA ILE D 59 -20.52 -2.46 11.37
C ILE D 59 -20.23 -3.96 11.40
N LYS D 60 -18.95 -4.32 11.46
CA LYS D 60 -18.50 -5.70 11.50
C LYS D 60 -18.13 -6.06 12.94
N LYS D 61 -17.19 -5.31 13.51
CA LYS D 61 -16.72 -5.55 14.87
C LYS D 61 -17.14 -4.36 15.73
N ASN D 62 -17.60 -4.62 16.96
CA ASN D 62 -18.00 -3.57 17.90
C ASN D 62 -17.49 -3.89 19.30
N VAL D 63 -16.95 -2.84 19.92
CA VAL D 63 -16.25 -2.95 21.18
C VAL D 63 -16.40 -1.65 21.94
N LEU D 64 -16.69 -1.76 23.23
CA LEU D 64 -16.49 -0.65 24.14
C LEU D 64 -15.00 -0.64 24.48
N TRP D 65 -14.30 0.42 24.11
CA TRP D 65 -12.83 0.44 24.25
C TRP D 65 -12.38 0.44 25.70
N ASP D 66 -11.40 -0.39 25.99
CA ASP D 66 -10.66 -0.33 27.26
C ASP D 66 -9.24 -0.82 27.01
N GLU D 67 -8.43 -0.85 28.06
CA GLU D 67 -7.02 -1.22 27.94
C GLU D 67 -6.81 -2.60 27.36
N ASN D 68 -7.70 -3.53 27.69
CA ASN D 68 -7.52 -4.90 27.26
C ASN D 68 -7.77 -5.07 25.76
N ASN D 69 -8.95 -4.67 25.29
CA ASN D 69 -9.29 -4.86 23.89
C ASN D 69 -8.50 -3.94 22.93
N MET D 70 -7.99 -2.81 23.45
CA MET D 70 -7.14 -1.96 22.62
C MET D 70 -5.73 -2.50 22.56
N SER D 71 -5.29 -3.22 23.58
CA SER D 71 -3.97 -3.83 23.51
C SER D 71 -3.93 -4.87 22.40
N GLU D 72 -5.01 -5.65 22.31
CA GLU D 72 -5.13 -6.66 21.28
C GLU D 72 -5.27 -6.02 19.89
N TYR D 73 -6.10 -4.97 19.79
CA TYR D 73 -6.20 -4.18 18.55
C TYR D 73 -4.82 -3.76 18.05
N LEU D 74 -4.05 -3.15 18.93
CA LEU D 74 -2.78 -2.54 18.56
C LEU D 74 -1.71 -3.60 18.30
N THR D 75 -2.09 -4.87 18.40
CA THR D 75 -1.21 -5.94 18.01
C THR D 75 -1.10 -5.93 16.50
N ASN D 76 -2.24 -5.68 15.85
CA ASN D 76 -2.32 -5.68 14.40
C ASN D 76 -3.59 -4.96 13.94
N PRO D 77 -3.56 -3.63 13.86
CA PRO D 77 -4.73 -2.85 13.45
C PRO D 77 -5.09 -3.06 11.97
N ALA D 78 -4.09 -3.30 11.13
CA ALA D 78 -4.31 -3.42 9.69
C ALA D 78 -5.21 -4.60 9.36
N LYS D 79 -5.20 -5.60 10.24
CA LYS D 79 -6.08 -6.77 10.15
C LYS D 79 -7.57 -6.41 10.10
N TYR D 80 -7.94 -5.28 10.70
CA TYR D 80 -9.34 -4.87 10.75
C TYR D 80 -9.72 -3.89 9.67
N ILE D 81 -8.76 -3.53 8.83
CA ILE D 81 -9.04 -2.74 7.63
C ILE D 81 -9.39 -3.68 6.48
N PRO D 82 -10.62 -3.56 5.95
CA PRO D 82 -11.10 -4.42 4.87
C PRO D 82 -10.24 -4.27 3.63
N GLY D 83 -9.86 -5.39 3.01
CA GLY D 83 -8.96 -5.37 1.87
C GLY D 83 -7.57 -5.89 2.24
N THR D 84 -7.19 -5.68 3.49
CA THR D 84 -5.83 -6.00 3.95
C THR D 84 -5.49 -7.46 3.79
N LYS D 85 -6.40 -8.32 4.22
CA LYS D 85 -6.13 -9.75 4.15
C LYS D 85 -6.15 -10.22 2.68
N MET D 86 -7.09 -9.73 1.90
CA MET D 86 -7.22 -10.17 0.52
C MET D 86 -6.04 -9.77 -0.34
N ALA D 87 -5.39 -8.66 0.01
CA ALA D 87 -4.37 -8.03 -0.83
C ALA D 87 -3.24 -8.98 -1.24
N PHE D 88 -2.85 -9.88 -0.33
CA PHE D 88 -1.81 -10.86 -0.62
C PHE D 88 -2.37 -12.29 -0.62
N GLY D 89 -3.58 -12.46 -1.15
CA GLY D 89 -4.13 -13.77 -1.39
C GLY D 89 -4.87 -14.39 -0.22
N GLY D 90 -5.21 -13.57 0.78
CA GLY D 90 -5.94 -14.05 1.94
C GLY D 90 -7.32 -14.57 1.55
N LEU D 91 -7.73 -15.68 2.15
CA LEU D 91 -9.03 -16.26 1.82
C LEU D 91 -9.94 -16.37 3.05
N LYS D 92 -11.01 -15.56 3.02
CA LYS D 92 -12.11 -15.56 3.97
C LYS D 92 -12.52 -16.96 4.41
N LYS D 93 -13.26 -17.61 3.51
CA LYS D 93 -13.95 -18.87 3.77
C LYS D 93 -13.00 -20.07 3.87
N GLU D 94 -13.25 -20.92 4.86
CA GLU D 94 -12.52 -22.17 5.04
C GLU D 94 -12.58 -23.05 3.79
N LYS D 95 -13.75 -23.07 3.16
CA LYS D 95 -13.97 -23.92 2.00
C LYS D 95 -13.23 -23.37 0.79
N ASP D 96 -13.11 -22.04 0.73
CA ASP D 96 -12.29 -21.42 -0.31
C ASP D 96 -10.87 -21.90 -0.14
N ARG D 97 -10.39 -21.86 1.10
CA ARG D 97 -9.03 -22.30 1.39
C ARG D 97 -8.88 -23.76 1.02
N ASN D 98 -9.85 -24.59 1.43
CA ASN D 98 -9.81 -26.00 1.10
C ASN D 98 -9.76 -26.20 -0.41
N ASP D 99 -10.60 -25.47 -1.13
CA ASP D 99 -10.65 -25.62 -2.58
C ASP D 99 -9.31 -25.26 -3.22
N LEU D 100 -8.75 -24.12 -2.80
CA LEU D 100 -7.52 -23.66 -3.41
C LEU D 100 -6.35 -24.63 -3.15
N ILE D 101 -6.23 -25.09 -1.92
CA ILE D 101 -5.19 -26.05 -1.55
C ILE D 101 -5.33 -27.37 -2.35
N THR D 102 -6.58 -27.81 -2.52
CA THR D 102 -6.84 -29.03 -3.29
C THR D 102 -6.35 -28.86 -4.72
N TYR D 103 -6.64 -27.71 -5.31
CA TYR D 103 -6.14 -27.41 -6.64
C TYR D 103 -4.62 -27.26 -6.65
N LEU D 104 -4.08 -26.55 -5.66
CA LEU D 104 -2.66 -26.19 -5.70
C LEU D 104 -1.78 -27.44 -5.56
N LYS D 105 -2.18 -28.36 -4.68
CA LYS D 105 -1.50 -29.65 -4.53
C LYS D 105 -1.37 -30.41 -5.85
N LYS D 106 -2.39 -30.33 -6.71
CA LYS D 106 -2.32 -30.94 -8.02
C LYS D 106 -1.52 -30.09 -8.99
N ALA D 107 -1.83 -28.80 -9.02
CA ALA D 107 -1.27 -27.88 -10.01
C ALA D 107 0.24 -27.72 -9.88
N SER D 108 0.74 -27.92 -8.67
CA SER D 108 2.14 -27.68 -8.36
C SER D 108 2.99 -28.96 -8.40
N GLU D 109 2.37 -30.10 -8.69
CA GLU D 109 3.10 -31.36 -8.75
C GLU D 109 3.97 -31.42 -10.00
S SO4 E . 16.99 -15.49 0.90
O1 SO4 E . 15.54 -15.40 0.64
O2 SO4 E . 17.19 -15.32 2.33
O3 SO4 E . 17.68 -14.43 0.18
O4 SO4 E . 17.52 -16.74 0.40
S SO4 F . 6.03 -5.52 11.66
O1 SO4 F . 5.39 -5.68 12.98
O2 SO4 F . 5.18 -4.67 10.82
O3 SO4 F . 7.36 -4.93 11.84
O4 SO4 F . 6.18 -6.83 11.03
S SO4 G . 6.40 -9.72 23.64
O1 SO4 G . 6.28 -10.20 25.02
O2 SO4 G . 5.13 -9.14 23.21
O3 SO4 G . 7.48 -8.74 23.57
O4 SO4 G . 6.73 -10.84 22.77
O1 ZE7 H . 1.89 -20.25 10.84
C1 ZE7 H . 1.41 -20.51 9.44
C2 ZE7 H . 2.08 -19.55 8.45
C3 ZE7 H . 3.65 -19.67 8.37
C4 ZE7 H . 4.29 -18.70 7.31
C5 ZE7 H . 5.79 -19.01 7.02
C6 ZE7 H . 6.58 -17.77 6.49
C7 ZE7 H . 6.73 -17.77 4.97
C8 ZE7 H . 8.22 -17.62 4.64
C9 ZE7 H . 8.56 -17.18 3.19
C10 ZE7 H . 7.35 -16.82 2.35
C11 ZE7 H . 6.33 -15.98 3.12
C12 ZE7 H . 5.79 -16.70 4.39
FE HEC I . 1.78 -15.39 -2.30
CHA HEC I . 4.86 -16.11 -0.87
CHB HEC I . 0.83 -18.62 -1.89
CHC HEC I . -1.43 -14.56 -3.37
CHD HEC I . 2.82 -12.30 -3.13
NA HEC I . 2.71 -17.07 -1.55
C1A HEC I . 3.95 -17.16 -0.96
C2A HEC I . 4.09 -18.50 -0.40
C3A HEC I . 2.98 -19.19 -0.68
C4A HEC I . 2.09 -18.29 -1.41
CMA HEC I . 2.63 -20.66 -0.33
CAA HEC I . 5.32 -19.07 0.34
CBA HEC I . 6.28 -19.44 -0.79
CGA HEC I . 7.48 -20.24 -0.36
O1A HEC I . 8.37 -20.50 -1.22
O2A HEC I . 7.54 -20.61 0.84
NB HEC I . 0.00 -16.39 -2.56
C1B HEC I . -0.12 -17.76 -2.38
C2B HEC I . -1.48 -18.13 -2.77
C3B HEC I . -2.10 -17.02 -3.21
C4B HEC I . -1.18 -15.90 -3.06
CMB HEC I . -2.02 -19.57 -2.74
CAB HEC I . -3.56 -16.89 -3.68
CBB HEC I . -4.54 -17.38 -2.90
NC HEC I . 0.84 -13.76 -3.06
C1C HEC I . -0.47 -13.60 -3.48
C2C HEC I . -0.61 -12.27 -4.05
C3C HEC I . 0.58 -11.67 -4.01
C4C HEC I . 1.50 -12.58 -3.36
CMC HEC I . -1.94 -11.72 -4.65
CAC HEC I . 1.02 -10.23 -4.44
CBC HEC I . 0.19 -9.19 -4.48
ND HEC I . 3.60 -14.36 -2.07
C1D HEC I . 3.75 -13.04 -2.45
C2D HEC I . 5.05 -12.57 -2.00
C3D HEC I . 5.69 -13.76 -1.32
C4D HEC I . 4.71 -14.84 -1.37
CMD HEC I . 5.66 -11.16 -2.24
CAD HEC I . 7.08 -13.80 -0.64
CBD HEC I . 6.84 -13.30 0.77
CGD HEC I . 8.16 -12.99 1.45
O1D HEC I . 9.20 -13.00 0.75
O2D HEC I . 8.14 -12.72 2.68
S SO4 J . 33.33 8.53 -7.07
O1 SO4 J . 32.62 9.14 -5.97
O2 SO4 J . 33.24 9.40 -8.22
O3 SO4 J . 34.73 8.30 -6.71
O4 SO4 J . 32.80 7.21 -7.43
S SO4 K . 5.77 -11.19 -19.31
O1 SO4 K . 5.11 -12.29 -18.60
O2 SO4 K . 4.81 -10.48 -20.12
O3 SO4 K . 6.29 -10.21 -18.35
O4 SO4 K . 6.83 -11.78 -20.11
S SO4 L . -3.81 3.08 -13.05
O1 SO4 L . -4.49 1.85 -13.43
O2 SO4 L . -4.27 4.19 -13.90
O3 SO4 L . -4.10 3.37 -11.64
O4 SO4 L . -2.36 2.92 -13.19
O1 ZE7 M . 9.00 7.81 -19.96
C1 ZE7 M . 9.90 7.12 -18.97
C2 ZE7 M . 10.22 5.69 -19.40
C3 ZE7 M . 9.19 4.64 -18.85
C4 ZE7 M . 9.71 3.16 -18.78
C5 ZE7 M . 8.59 2.14 -18.37
C6 ZE7 M . 9.05 0.64 -18.49
C7 ZE7 M . 8.16 -0.32 -17.69
C8 ZE7 M . 8.41 -0.04 -16.18
C9 ZE7 M . 9.14 -1.16 -15.40
C10 ZE7 M . 8.60 -2.53 -15.78
C11 ZE7 M . 8.94 -2.80 -17.24
C12 ZE7 M . 8.38 -1.74 -18.22
FE HEC N . 12.53 -1.42 -9.33
CHA HEC N . 11.29 -2.82 -12.20
CHB HEC N . 15.13 -0.07 -11.03
CHC HEC N . 13.63 0.25 -6.40
CHD HEC N . 10.19 -3.00 -7.47
NA HEC N . 13.09 -1.44 -11.26
C1A HEC N . 12.44 -2.08 -12.30
C2A HEC N . 13.18 -1.78 -13.52
C3A HEC N . 14.24 -1.02 -13.19
C4A HEC N . 14.20 -0.80 -11.76
CMA HEC N . 15.33 -0.46 -14.14
CAA HEC N . 12.81 -2.30 -14.92
CBA HEC N . 13.40 -3.70 -15.03
CGA HEC N . 13.32 -4.23 -16.43
O1A HEC N . 13.65 -5.43 -16.62
O2A HEC N . 12.93 -3.47 -17.35
NB HEC N . 14.08 -0.13 -8.79
C1B HEC N . 15.05 0.26 -9.70
C2B HEC N . 16.00 1.09 -8.99
C3B HEC N . 15.62 1.16 -7.71
C4B HEC N . 14.37 0.41 -7.56
CMB HEC N . 17.25 1.69 -9.68
CAB HEC N . 16.28 1.99 -6.58
CBB HEC N . 16.59 3.28 -6.85
NC HEC N . 12.03 -1.36 -7.31
C1C HEC N . 12.57 -0.63 -6.28
C2C HEC N . 11.86 -0.97 -5.05
C3C HEC N . 10.93 -1.90 -5.36
C4C HEC N . 11.01 -2.13 -6.78
CMC HEC N . 12.19 -0.38 -3.67
CAC HEC N . 9.88 -2.60 -4.46
CBC HEC N . 9.47 -2.11 -3.28
ND HEC N . 10.97 -2.76 -9.78
C1D HEC N . 10.10 -3.23 -8.82
C2D HEC N . 9.06 -4.00 -9.47
C3D HEC N . 9.41 -3.95 -10.95
C4D HEC N . 10.61 -3.14 -11.04
CMD HEC N . 7.88 -4.73 -8.79
CAD HEC N . 8.64 -4.57 -12.13
CBD HEC N . 7.47 -3.63 -12.40
CGD HEC N . 6.49 -4.31 -13.33
O1D HEC N . 6.58 -5.56 -13.48
O2D HEC N . 5.62 -3.62 -13.91
S SO4 O . -2.59 21.20 8.61
O1 SO4 O . -3.03 20.22 7.61
O2 SO4 O . -3.45 22.37 8.62
O3 SO4 O . -1.23 21.57 8.30
O4 SO4 O . -2.65 20.61 9.94
S SO4 P . 8.50 11.36 -1.91
O1 SO4 P . 7.36 12.26 -1.74
O2 SO4 P . 8.01 9.98 -1.95
O3 SO4 P . 9.46 11.53 -0.82
O4 SO4 P . 9.18 11.69 -3.17
O1 ZE7 Q . -1.01 21.16 -9.77
C1 ZE7 Q . -2.27 20.43 -9.45
C2 ZE7 Q . -2.10 19.64 -8.15
C3 ZE7 Q . -1.67 20.52 -6.93
C4 ZE7 Q . -2.51 20.17 -5.64
C5 ZE7 Q . -1.63 19.66 -4.46
C6 ZE7 Q . -2.05 20.30 -3.09
C7 ZE7 Q . -3.05 19.47 -2.28
C8 ZE7 Q . -2.80 19.74 -0.79
C9 ZE7 Q . -3.42 18.69 0.16
C10 ZE7 Q . -4.41 17.78 -0.54
C11 ZE7 Q . -3.80 17.07 -1.76
C12 ZE7 Q . -2.95 17.99 -2.66
FE HEC R . -9.05 12.57 -2.53
CHA HEC R . -7.41 15.14 -0.89
CHB HEC R . -10.56 14.84 -4.59
CHC HEC R . -10.36 9.99 -4.46
CHD HEC R . -7.94 10.34 -0.31
NA HEC R . -8.99 14.61 -2.70
C1A HEC R . -8.26 15.49 -1.92
C2A HEC R . -8.51 16.83 -2.45
C3A HEC R . -9.36 16.73 -3.46
C4A HEC R . -9.69 15.35 -3.64
CMA HEC R . -9.93 17.91 -4.32
CAA HEC R . -7.93 18.14 -1.90
CBA HEC R . -8.75 18.50 -0.67
CGA HEC R . -8.45 19.88 -0.18
O1A HEC R . -9.02 20.30 0.87
O2A HEC R . -7.63 20.58 -0.84
NB HEC R . -10.21 12.43 -4.23
C1B HEC R . -10.78 13.51 -4.86
C2B HEC R . -11.67 13.01 -5.89
C3B HEC R . -11.64 11.67 -5.84
C4B HEC R . -10.70 11.29 -4.81
CMB HEC R . -12.51 13.93 -6.81
CAB HEC R . -12.36 10.67 -6.76
CBB HEC R . -12.18 10.84 -8.08
NC HEC R . -9.14 10.55 -2.43
C1C HEC R . -9.71 9.66 -3.30
C2C HEC R . -9.55 8.32 -2.77
C3C HEC R . -8.91 8.43 -1.59
C4C HEC R . -8.62 9.83 -1.38
CMC HEC R . -10.10 7.03 -3.45
CAC HEC R . -8.45 7.32 -0.60
CBC HEC R . -8.11 6.08 -1.01
ND HEC R . -7.86 12.75 -0.81
C1D HEC R . -7.51 11.62 -0.08
C2D HEC R . -6.60 12.01 0.97
C3D HEC R . -6.43 13.51 0.81
C4D HEC R . -7.24 13.88 -0.35
CMD HEC R . -5.99 11.07 2.02
CAD HEC R . -5.54 14.43 1.66
CBD HEC R . -4.15 14.30 1.05
CGD HEC R . -3.15 14.96 1.98
O1D HEC R . -3.50 15.21 3.16
O2D HEC R . -2.00 15.22 1.52
S SO4 S . -10.55 -8.69 3.67
O1 SO4 S . -10.53 -8.18 5.04
O2 SO4 S . -11.62 -8.05 2.91
O3 SO4 S . -10.77 -10.13 3.67
O4 SO4 S . -9.24 -8.40 3.06
O1 ZE7 T . -10.52 -8.73 19.05
C1 ZE7 T . -9.92 -7.36 18.91
C2 ZE7 T . -10.96 -6.28 19.23
C3 ZE7 T . -10.67 -4.89 18.57
C4 ZE7 T . -11.62 -4.54 17.35
C5 ZE7 T . -11.42 -3.08 16.79
C6 ZE7 T . -12.51 -2.61 15.74
C7 ZE7 T . -12.34 -1.15 15.29
C8 ZE7 T . -13.67 -0.58 14.77
C9 ZE7 T . -13.56 0.61 13.79
C10 ZE7 T . -12.22 1.34 13.84
C11 ZE7 T . -10.99 0.41 13.74
C12 ZE7 T . -11.25 -1.04 14.23
FE HEC U . -5.25 4.28 14.13
CHA HEC U . -8.71 3.89 13.94
CHB HEC U . -5.42 3.93 17.52
CHC HEC U . -1.80 4.34 14.27
CHD HEC U . -5.11 5.06 10.84
NA HEC U . -6.81 3.97 15.46
C1A HEC U . -8.14 3.80 15.19
C2A HEC U . -8.82 3.49 16.44
C3A HEC U . -7.91 3.50 17.42
C4A HEC U . -6.62 3.81 16.83
CMA HEC U . -8.15 3.24 18.93
CAA HEC U . -10.33 3.23 16.60
CBA HEC U . -10.98 4.62 16.62
CGA HEC U . -12.40 4.57 17.11
O1A HEC U . -13.06 5.63 17.13
O2A HEC U . -12.88 3.44 17.44
NB HEC U . -3.85 4.13 15.63
C1B HEC U . -4.15 4.06 16.97
C2B HEC U . -2.90 4.12 17.70
C3B HEC U . -1.90 4.25 16.81
C4B HEC U . -2.48 4.24 15.48
CMB HEC U . -2.83 4.08 19.25
CAB HEC U . -0.38 4.31 17.08
CBB HEC U . 0.13 3.42 17.94
NC HEC U . -3.72 4.64 12.82
C1C HEC U . -2.37 4.61 13.05
C2C HEC U . -1.67 4.94 11.81
C3C HEC U . -2.61 5.16 10.87
C4C HEC U . -3.90 4.95 11.48
CMC HEC U . -0.13 5.04 11.67
CAC HEC U . -2.45 5.52 9.36
CBC HEC U . -1.35 5.31 8.63
ND HEC U . -6.69 4.49 12.63
C1D HEC U . -6.36 4.75 11.31
C2D HEC U . -7.54 4.61 10.49
C3D HEC U . -8.66 4.26 11.47
C4D HEC U . -8.04 4.20 12.77
CMD HEC U . -7.62 4.83 8.95
CAD HEC U . -10.13 3.98 11.15
CBD HEC U . -10.17 2.57 10.58
CGD HEC U . -11.55 2.28 9.99
O1D HEC U . -12.29 3.24 9.69
O2D HEC U . -11.89 1.08 9.84
#